data_6CVY
#
_entry.id   6CVY
#
_cell.length_a   55.453
_cell.length_b   58.483
_cell.length_c   59.729
_cell.angle_alpha   90.00
_cell.angle_beta   90.00
_cell.angle_gamma   90.00
#
_symmetry.space_group_name_H-M   'P 21 21 21'
#
loop_
_entity.id
_entity.type
_entity.pdbx_description
1 polymer 'NS3 protease'
2 non-polymer 'ZINC ION'
3 non-polymer 'SULFATE ION'
4 non-polymer 3-methyl-N-[(pentyloxy)carbonyl]-L-valyl-(4R)-4-[(3-chloro-7-methoxyquinoxalin-2-yl)oxy]-N-[(1R,2S)-2-ethenyl-1-{[(1-methylcyclopropyl)sulfonyl]carbamoyl}cyclopropyl]-L-prolinamide
5 non-polymer GLYCEROL
6 water water
#
_entity_poly.entity_id   1
_entity_poly.type   'polypeptide(L)'
_entity_poly.pdbx_seq_one_letter_code
;GSHMASMKKKGSVVIVGRINLSGDTAYAQQTRGEEGCQETSQTGRDKNQVEGEVQIVSTATQTFLATSINGVLWTVYHGA
GTRTIASPKGPVTQMYTNVDKDLVGWQAPQGSRSLTPCTCGSSDLYLVTRHADVIPVRRRGDSRGSLLSPRPISYLKGSS
GGPLLCPAGHAVGIFRAAVCTRGVAKAVDFIPVESLETTMR
;
_entity_poly.pdbx_strand_id   A
#
loop_
_chem_comp.id
_chem_comp.type
_chem_comp.name
_chem_comp.formula
FHD non-polymer 3-methyl-N-[(pentyloxy)carbonyl]-L-valyl-(4R)-4-[(3-chloro-7-methoxyquinoxalin-2-yl)oxy]-N-[(1R,2S)-2-ethenyl-1-{[(1-methylcyclopropyl)sulfonyl]carbamoyl}cyclopropyl]-L-prolinamide 'C36 H49 Cl N6 O9 S'
GOL non-polymer GLYCEROL 'C3 H8 O3'
SO4 non-polymer 'SULFATE ION' 'O4 S -2'
ZN non-polymer 'ZINC ION' 'Zn 2'
#
# COMPACT_ATOMS: atom_id res chain seq x y z
N SER A 2 -14.40 25.47 18.00
CA SER A 2 -14.16 25.82 19.40
C SER A 2 -15.01 25.01 20.38
N HIS A 3 -15.95 24.21 19.88
CA HIS A 3 -16.80 23.39 20.75
C HIS A 3 -16.26 21.97 20.79
N MET A 4 -15.44 21.69 21.79
CA MET A 4 -14.70 20.44 21.81
C MET A 4 -15.63 19.24 21.97
N ALA A 5 -16.74 19.38 22.68
CA ALA A 5 -17.55 18.20 22.94
C ALA A 5 -18.14 17.61 21.66
N SER A 6 -18.25 18.40 20.60
CA SER A 6 -18.85 17.90 19.35
C SER A 6 -17.80 17.72 18.27
N MET A 7 -16.52 17.85 18.62
CA MET A 7 -15.48 17.62 17.62
C MET A 7 -15.48 16.15 17.25
N LYS A 8 -15.40 15.90 15.95
CA LYS A 8 -15.44 14.57 15.42
C LYS A 8 -14.04 13.96 15.39
N LYS A 9 -14.01 12.65 15.17
CA LYS A 9 -12.78 11.88 15.13
C LYS A 9 -12.68 11.25 13.74
N LYS A 10 -11.47 11.24 13.17
CA LYS A 10 -11.31 10.59 11.88
C LYS A 10 -11.33 9.08 12.08
N GLY A 11 -11.88 8.39 11.12
CA GLY A 11 -11.97 6.95 11.23
C GLY A 11 -10.64 6.30 10.94
N SER A 12 -10.64 4.99 11.10
CA SER A 12 -9.47 4.18 10.83
C SER A 12 -9.39 3.82 9.37
N VAL A 13 -8.17 3.55 8.91
CA VAL A 13 -7.97 2.79 7.68
C VAL A 13 -8.52 1.39 7.88
N VAL A 14 -9.16 0.85 6.84
CA VAL A 14 -9.79 -0.47 6.88
C VAL A 14 -9.30 -1.29 5.70
N ILE A 15 -8.88 -2.53 5.99
CA ILE A 15 -8.58 -3.49 4.93
C ILE A 15 -9.89 -3.96 4.31
N VAL A 16 -10.05 -3.77 3.00
CA VAL A 16 -11.27 -4.16 2.32
C VAL A 16 -11.04 -5.26 1.29
N GLY A 17 -9.80 -5.70 1.10
CA GLY A 17 -9.55 -6.77 0.18
C GLY A 17 -8.06 -6.96 0.05
N ARG A 18 -7.67 -7.71 -0.97
CA ARG A 18 -6.26 -8.01 -1.14
C ARG A 18 -5.99 -8.27 -2.61
N ILE A 19 -4.71 -8.18 -2.98
CA ILE A 19 -4.27 -8.63 -4.30
C ILE A 19 -3.66 -10.00 -4.10
N ASN A 20 -4.33 -11.03 -4.63
CA ASN A 20 -3.91 -12.41 -4.43
C ASN A 20 -2.79 -12.74 -5.41
N LEU A 21 -1.63 -13.09 -4.85
CA LEU A 21 -0.45 -13.44 -5.62
C LEU A 21 0.06 -14.83 -5.28
N SER A 22 -0.77 -15.67 -4.65
CA SER A 22 -0.28 -16.93 -4.13
C SER A 22 -0.18 -18.01 -5.19
N GLY A 23 -0.89 -17.87 -6.31
CA GLY A 23 -0.95 -18.90 -7.32
C GLY A 23 -0.30 -18.46 -8.62
N ASP A 24 -0.79 -18.97 -9.75
CA ASP A 24 -0.23 -18.61 -11.04
C ASP A 24 -0.91 -17.40 -11.67
N THR A 25 -2.00 -16.92 -11.06
CA THR A 25 -2.79 -15.81 -11.61
C THR A 25 -2.95 -14.76 -10.51
N ALA A 26 -2.66 -13.51 -10.83
CA ALA A 26 -2.85 -12.42 -9.88
C ALA A 26 -4.28 -11.94 -10.02
N TYR A 27 -4.97 -11.75 -8.91
CA TYR A 27 -6.33 -11.24 -8.98
C TYR A 27 -6.70 -10.55 -7.68
N ALA A 28 -7.54 -9.54 -7.82
CA ALA A 28 -8.07 -8.81 -6.67
C ALA A 28 -9.24 -9.58 -6.04
N GLN A 29 -9.31 -9.51 -4.71
CA GLN A 29 -10.40 -10.05 -3.92
C GLN A 29 -10.92 -8.97 -2.99
N GLN A 30 -12.23 -8.81 -2.93
CA GLN A 30 -12.83 -7.96 -1.92
C GLN A 30 -13.23 -8.82 -0.74
N THR A 31 -12.90 -8.35 0.46
CA THR A 31 -13.28 -9.04 1.69
C THR A 31 -14.27 -8.25 2.55
N ARG A 32 -14.52 -6.99 2.22
CA ARG A 32 -15.52 -6.18 2.93
C ARG A 32 -16.10 -5.13 1.99
N GLY A 33 -17.44 -5.00 2.01
CA GLY A 33 -18.14 -4.03 1.20
C GLY A 33 -18.21 -2.64 1.83
N GLU A 34 -18.79 -1.69 1.07
CA GLU A 34 -18.67 -0.27 1.38
C GLU A 34 -19.33 0.08 2.72
N GLU A 35 -20.53 -0.47 2.99
CA GLU A 35 -21.22 -0.18 4.24
C GLU A 35 -20.45 -0.75 5.43
N GLY A 36 -20.01 -2.00 5.32
CA GLY A 36 -19.22 -2.59 6.38
C GLY A 36 -17.88 -1.90 6.57
N CYS A 37 -17.30 -1.39 5.48
CA CYS A 37 -16.09 -0.59 5.60
C CYS A 37 -16.36 0.68 6.40
N GLN A 38 -17.44 1.41 6.07
CA GLN A 38 -17.77 2.64 6.78
C GLN A 38 -17.93 2.38 8.28
N GLU A 39 -18.62 1.31 8.64
CA GLU A 39 -18.83 0.99 10.05
C GLU A 39 -17.53 0.62 10.76
N THR A 40 -16.69 -0.16 10.09
CA THR A 40 -15.42 -0.61 10.67
C THR A 40 -14.46 0.56 10.86
N SER A 41 -14.53 1.55 9.97
CA SER A 41 -13.66 2.71 10.10
C SER A 41 -14.03 3.50 11.34
N GLN A 42 -15.32 3.60 11.65
CA GLN A 42 -15.77 4.36 12.82
C GLN A 42 -15.39 3.65 14.10
N THR A 43 -15.59 2.33 14.17
CA THR A 43 -15.28 1.59 15.40
C THR A 43 -13.81 1.27 15.53
N GLY A 44 -13.10 1.09 14.42
CA GLY A 44 -11.74 0.60 14.49
C GLY A 44 -11.61 -0.87 14.81
N ARG A 45 -12.71 -1.62 14.80
CA ARG A 45 -12.71 -3.02 15.20
C ARG A 45 -12.98 -3.85 13.95
N ASP A 46 -11.98 -4.60 13.52
CA ASP A 46 -12.06 -5.40 12.29
C ASP A 46 -11.72 -6.84 12.64
N LYS A 47 -12.72 -7.70 12.65
CA LYS A 47 -12.51 -9.11 12.95
C LYS A 47 -12.28 -9.97 11.71
N ASN A 48 -12.21 -9.38 10.52
CA ASN A 48 -12.07 -10.21 9.32
C ASN A 48 -10.68 -10.84 9.24
N GLN A 49 -10.64 -12.04 8.69
CA GLN A 49 -9.37 -12.72 8.47
C GLN A 49 -8.59 -11.99 7.40
N VAL A 50 -7.31 -11.77 7.67
CA VAL A 50 -6.39 -11.12 6.73
C VAL A 50 -5.47 -12.20 6.17
N GLU A 51 -5.19 -12.09 4.89
CA GLU A 51 -4.24 -12.99 4.25
C GLU A 51 -3.43 -12.20 3.24
N GLY A 52 -2.21 -12.67 2.99
CA GLY A 52 -1.42 -12.19 1.87
C GLY A 52 -0.56 -10.99 2.20
N GLU A 53 0.15 -10.53 1.16
CA GLU A 53 1.15 -9.47 1.28
C GLU A 53 0.63 -8.09 0.92
N VAL A 54 -0.28 -8.02 -0.04
CA VAL A 54 -0.78 -6.75 -0.56
C VAL A 54 -2.24 -6.64 -0.23
N GLN A 55 -2.58 -5.63 0.57
CA GLN A 55 -3.94 -5.36 0.98
C GLN A 55 -4.50 -4.18 0.21
N ILE A 56 -5.78 -4.24 -0.07
CA ILE A 56 -6.54 -3.10 -0.52
C ILE A 56 -7.15 -2.44 0.71
N VAL A 57 -6.92 -1.13 0.88
CA VAL A 57 -7.35 -0.43 2.07
C VAL A 57 -8.19 0.79 1.68
N SER A 58 -9.01 1.23 2.62
CA SER A 58 -9.89 2.35 2.38
C SER A 58 -10.05 3.19 3.63
N THR A 59 -10.30 4.46 3.41
CA THR A 59 -10.87 5.36 4.40
C THR A 59 -12.27 5.72 3.94
N ALA A 60 -12.86 6.72 4.59
CA ALA A 60 -14.17 7.18 4.16
C ALA A 60 -14.14 7.78 2.76
N THR A 61 -12.99 8.32 2.36
CA THR A 61 -12.90 9.16 1.17
C THR A 61 -11.93 8.66 0.11
N GLN A 62 -11.08 7.68 0.42
CA GLN A 62 -10.02 7.25 -0.49
C GLN A 62 -9.84 5.74 -0.41
N THR A 63 -9.35 5.15 -1.49
CA THR A 63 -8.96 3.74 -1.47
C THR A 63 -7.61 3.62 -2.18
N PHE A 64 -6.76 2.75 -1.64
CA PHE A 64 -5.40 2.60 -2.12
C PHE A 64 -4.91 1.23 -1.65
N LEU A 65 -3.60 1.02 -1.65
CA LEU A 65 -3.03 -0.28 -1.28
C LEU A 65 -2.13 -0.14 -0.06
N ALA A 66 -1.82 -1.29 0.53
CA ALA A 66 -0.81 -1.38 1.59
C ALA A 66 -0.10 -2.72 1.47
N THR A 67 1.21 -2.71 1.79
CA THR A 67 2.11 -3.83 1.49
C THR A 67 2.91 -4.21 2.74
N SER A 68 2.94 -5.51 3.06
CA SER A 68 3.66 -5.97 4.23
CA SER A 68 3.67 -5.98 4.23
C SER A 68 5.10 -6.32 3.84
N ILE A 69 6.06 -5.72 4.55
CA ILE A 69 7.49 -5.98 4.36
C ILE A 69 8.10 -5.96 5.76
N ASN A 70 8.85 -7.00 6.11
CA ASN A 70 9.53 -7.04 7.41
C ASN A 70 8.53 -6.93 8.56
N GLY A 71 7.32 -7.48 8.43
CA GLY A 71 6.38 -7.48 9.55
C GLY A 71 5.68 -6.16 9.81
N VAL A 72 5.77 -5.22 8.87
CA VAL A 72 5.13 -3.92 8.94
C VAL A 72 4.24 -3.79 7.72
N LEU A 73 3.00 -3.32 7.92
CA LEU A 73 2.11 -3.00 6.81
C LEU A 73 2.33 -1.53 6.44
N TRP A 74 2.90 -1.30 5.26
CA TRP A 74 3.32 0.02 4.81
C TRP A 74 2.32 0.60 3.82
N THR A 75 2.14 1.91 3.86
CA THR A 75 1.39 2.59 2.81
C THR A 75 1.84 4.05 2.74
N VAL A 76 1.08 4.85 2.00
CA VAL A 76 1.43 6.25 1.76
C VAL A 76 0.70 7.20 2.71
N TYR A 77 1.43 8.22 3.18
CA TYR A 77 0.84 9.27 4.03
C TYR A 77 -0.30 10.01 3.30
N HIS A 78 -0.18 10.20 1.99
CA HIS A 78 -1.25 10.95 1.29
C HIS A 78 -2.54 10.15 1.19
N GLY A 79 -2.50 8.87 1.49
CA GLY A 79 -3.71 8.06 1.62
C GLY A 79 -4.17 7.98 3.06
N ALA A 80 -3.26 7.64 3.96
CA ALA A 80 -3.64 7.31 5.33
C ALA A 80 -3.55 8.46 6.31
N GLY A 81 -2.78 9.49 5.99
CA GLY A 81 -2.49 10.51 6.99
C GLY A 81 -1.93 9.84 8.22
N THR A 82 -2.35 10.34 9.40
CA THR A 82 -1.92 9.80 10.68
C THR A 82 -2.91 8.78 11.24
N ARG A 83 -3.78 8.22 10.41
CA ARG A 83 -4.88 7.40 10.90
C ARG A 83 -4.40 6.10 11.49
N THR A 84 -5.13 5.64 12.49
CA THR A 84 -5.04 4.28 12.97
C THR A 84 -5.55 3.31 11.90
N ILE A 85 -5.22 2.03 12.07
CA ILE A 85 -5.77 0.96 11.26
C ILE A 85 -6.71 0.12 12.12
N ALA A 86 -7.83 -0.29 11.55
CA ALA A 86 -8.77 -1.15 12.26
C ALA A 86 -8.17 -2.54 12.45
N SER A 87 -8.37 -3.10 13.66
CA SER A 87 -7.82 -4.42 13.96
C SER A 87 -8.79 -5.17 14.86
N PRO A 88 -8.59 -6.47 15.05
CA PRO A 88 -9.59 -7.25 15.80
C PRO A 88 -9.84 -6.73 17.19
N LYS A 89 -8.86 -6.04 17.77
CA LYS A 89 -8.95 -5.58 19.15
C LYS A 89 -9.10 -4.07 19.23
N GLY A 90 -9.46 -3.42 18.14
CA GLY A 90 -9.61 -1.99 18.12
C GLY A 90 -8.51 -1.31 17.35
N PRO A 91 -8.57 0.01 17.29
CA PRO A 91 -7.64 0.77 16.43
C PRO A 91 -6.20 0.64 16.91
N VAL A 92 -5.31 0.53 15.93
CA VAL A 92 -3.87 0.40 16.13
C VAL A 92 -3.16 1.63 15.58
N THR A 93 -2.37 2.28 16.43
CA THR A 93 -1.62 3.48 16.06
C THR A 93 -0.45 3.14 15.13
N GLN A 94 -0.18 4.04 14.19
CA GLN A 94 1.00 3.87 13.34
C GLN A 94 2.23 3.72 14.22
N MET A 95 3.12 2.81 13.82
CA MET A 95 4.44 2.76 14.45
C MET A 95 5.49 3.51 13.63
N TYR A 96 5.19 3.85 12.38
CA TYR A 96 6.04 4.72 11.57
C TYR A 96 5.19 5.76 10.88
N THR A 97 5.67 7.00 10.87
CA THR A 97 5.04 8.10 10.15
C THR A 97 6.16 9.00 9.64
N ASN A 98 6.24 9.16 8.32
CA ASN A 98 7.22 10.07 7.73
C ASN A 98 6.61 10.80 6.53
N VAL A 99 6.08 12.00 6.80
CA VAL A 99 5.47 12.81 5.78
C VAL A 99 6.49 13.23 4.74
N ASP A 100 7.78 13.33 5.12
CA ASP A 100 8.80 13.74 4.14
C ASP A 100 9.02 12.67 3.09
N LYS A 101 8.75 11.41 3.41
CA LYS A 101 8.83 10.32 2.45
C LYS A 101 7.47 9.87 1.93
N ASP A 102 6.39 10.49 2.39
CA ASP A 102 5.04 10.04 2.08
C ASP A 102 4.80 8.61 2.54
N LEU A 103 5.27 8.28 3.76
CA LEU A 103 5.34 6.89 4.23
C LEU A 103 4.74 6.75 5.62
N VAL A 104 3.93 5.70 5.81
CA VAL A 104 3.47 5.32 7.14
C VAL A 104 3.49 3.80 7.25
N GLY A 105 3.45 3.32 8.48
CA GLY A 105 3.46 1.89 8.70
C GLY A 105 2.79 1.52 10.02
N TRP A 106 2.12 0.38 10.02
CA TRP A 106 1.56 -0.25 11.20
C TRP A 106 2.11 -1.67 11.34
N GLN A 107 2.11 -2.18 12.57
CA GLN A 107 2.41 -3.59 12.76
C GLN A 107 1.54 -4.43 11.81
N ALA A 108 2.15 -5.41 11.18
CA ALA A 108 1.43 -6.20 10.17
C ALA A 108 0.31 -7.00 10.83
N PRO A 109 -0.88 -7.03 10.23
CA PRO A 109 -1.99 -7.78 10.83
C PRO A 109 -1.71 -9.26 10.94
N GLN A 110 -2.26 -9.87 11.99
CA GLN A 110 -2.15 -11.32 12.13
C GLN A 110 -2.75 -11.97 10.90
N GLY A 111 -2.02 -12.91 10.34
CA GLY A 111 -2.47 -13.62 9.17
C GLY A 111 -1.89 -13.12 7.88
N SER A 112 -1.44 -11.87 7.84
CA SER A 112 -0.74 -11.39 6.68
C SER A 112 0.59 -12.14 6.53
N ARG A 113 1.16 -12.03 5.33
CA ARG A 113 2.50 -12.52 5.04
C ARG A 113 3.30 -11.34 4.53
N SER A 114 4.61 -11.34 4.80
CA SER A 114 5.47 -10.22 4.47
C SER A 114 6.37 -10.55 3.30
N LEU A 115 6.58 -9.56 2.44
CA LEU A 115 7.61 -9.64 1.43
C LEU A 115 8.99 -9.47 2.07
N THR A 116 10.00 -10.07 1.45
CA THR A 116 11.39 -9.92 1.87
C THR A 116 12.06 -8.77 1.12
N PRO A 117 12.77 -7.90 1.81
CA PRO A 117 13.49 -6.82 1.10
C PRO A 117 14.49 -7.37 0.08
N CYS A 118 14.48 -6.77 -1.09
CA CYS A 118 15.35 -7.24 -2.17
C CYS A 118 16.81 -6.89 -1.91
N THR A 119 17.69 -7.86 -2.13
CA THR A 119 19.13 -7.66 -2.11
C THR A 119 19.79 -8.06 -3.44
N CYS A 120 19.01 -8.14 -4.52
CA CYS A 120 19.47 -8.62 -5.81
C CYS A 120 20.28 -7.59 -6.58
N GLY A 121 20.06 -6.30 -6.34
CA GLY A 121 20.73 -5.28 -7.11
C GLY A 121 20.29 -5.24 -8.56
N SER A 122 19.07 -5.71 -8.86
CA SER A 122 18.51 -5.93 -10.19
C SER A 122 17.60 -4.77 -10.57
N SER A 123 17.61 -4.40 -11.85
CA SER A 123 16.81 -3.27 -12.30
C SER A 123 15.60 -3.65 -13.15
N ASP A 124 15.27 -4.93 -13.24
CA ASP A 124 14.06 -5.36 -13.94
C ASP A 124 12.99 -5.60 -12.88
N LEU A 125 12.02 -4.70 -12.81
CA LEU A 125 11.03 -4.68 -11.74
C LEU A 125 9.63 -4.92 -12.27
N TYR A 126 8.70 -5.08 -11.32
CA TYR A 126 7.29 -5.33 -11.60
C TYR A 126 6.44 -4.58 -10.59
N LEU A 127 5.53 -3.76 -11.08
CA LEU A 127 4.60 -3.02 -10.24
C LEU A 127 3.29 -3.77 -10.21
N VAL A 128 2.71 -3.92 -9.02
CA VAL A 128 1.43 -4.61 -8.84
C VAL A 128 0.37 -3.56 -8.53
N THR A 129 -0.67 -3.49 -9.36
CA THR A 129 -1.75 -2.52 -9.17
C THR A 129 -2.93 -3.09 -8.38
N ARG A 130 -3.84 -2.18 -8.00
CA ARG A 130 -5.04 -2.54 -7.25
C ARG A 130 -5.99 -3.40 -8.06
N HIS A 131 -5.80 -3.49 -9.38
CA HIS A 131 -6.58 -4.35 -10.24
C HIS A 131 -5.84 -5.64 -10.56
N ALA A 132 -4.74 -5.88 -9.86
CA ALA A 132 -3.92 -7.08 -9.98
C ALA A 132 -3.24 -7.15 -11.33
N ASP A 133 -3.05 -6.02 -11.99
CA ASP A 133 -2.20 -5.96 -13.16
C ASP A 133 -0.75 -5.97 -12.68
N VAL A 134 0.11 -6.69 -13.39
CA VAL A 134 1.54 -6.73 -13.10
C VAL A 134 2.24 -6.00 -14.23
N ILE A 135 2.88 -4.89 -13.91
CA ILE A 135 3.36 -3.92 -14.89
C ILE A 135 4.89 -3.98 -14.91
N PRO A 136 5.51 -4.41 -16.01
CA PRO A 136 6.98 -4.36 -16.04
C PRO A 136 7.48 -2.94 -15.98
N VAL A 137 8.50 -2.73 -15.16
CA VAL A 137 9.12 -1.44 -14.89
C VAL A 137 10.62 -1.62 -14.89
N ARG A 138 11.33 -0.79 -15.65
CA ARG A 138 12.79 -0.77 -15.63
C ARG A 138 13.25 0.28 -14.62
N ARG A 139 14.05 -0.13 -13.65
CA ARG A 139 14.55 0.83 -12.68
C ARG A 139 15.46 1.83 -13.37
N ARG A 140 15.25 3.13 -13.10
CA ARG A 140 15.98 4.22 -13.73
C ARG A 140 16.73 5.09 -12.77
N GLY A 141 16.58 4.86 -11.47
CA GLY A 141 17.28 5.62 -10.45
C GLY A 141 16.95 5.02 -9.09
N ASP A 142 17.38 5.71 -8.05
CA ASP A 142 17.11 5.24 -6.69
C ASP A 142 15.61 5.10 -6.45
N SER A 143 14.83 6.02 -6.99
CA SER A 143 13.40 6.08 -6.67
C SER A 143 12.50 6.23 -7.90
N ARG A 144 13.02 5.91 -9.08
CA ARG A 144 12.26 6.05 -10.32
C ARG A 144 12.36 4.79 -11.16
N GLY A 145 11.29 4.49 -11.88
CA GLY A 145 11.32 3.44 -12.87
C GLY A 145 10.39 3.76 -14.02
N SER A 146 10.75 3.31 -15.22
CA SER A 146 9.95 3.60 -16.40
C SER A 146 9.05 2.42 -16.72
N LEU A 147 7.82 2.71 -17.13
CA LEU A 147 6.92 1.67 -17.61
C LEU A 147 7.38 1.22 -18.98
N LEU A 148 7.50 -0.09 -19.16
CA LEU A 148 7.86 -0.57 -20.49
C LEU A 148 6.77 -0.24 -21.49
N SER A 149 5.52 -0.25 -21.03
CA SER A 149 4.36 0.13 -21.84
C SER A 149 3.60 1.20 -21.04
N PRO A 150 3.75 2.46 -21.39
CA PRO A 150 3.06 3.51 -20.66
C PRO A 150 1.54 3.33 -20.67
N ARG A 151 0.90 3.83 -19.62
CA ARG A 151 -0.52 3.69 -19.38
C ARG A 151 -1.07 5.04 -18.94
N PRO A 152 -2.35 5.32 -19.21
CA PRO A 152 -2.95 6.53 -18.66
C PRO A 152 -2.92 6.49 -17.15
N ILE A 153 -2.89 7.66 -16.50
CA ILE A 153 -2.75 7.61 -15.04
C ILE A 153 -3.96 6.96 -14.39
N SER A 154 -5.12 6.96 -15.08
CA SER A 154 -6.32 6.27 -14.60
C SER A 154 -6.03 4.82 -14.23
N TYR A 155 -5.11 4.18 -14.96
CA TYR A 155 -4.76 2.79 -14.77
C TYR A 155 -4.02 2.57 -13.46
N LEU A 156 -3.32 3.60 -13.00
CA LEU A 156 -2.50 3.51 -11.80
C LEU A 156 -3.16 4.13 -10.60
N LYS A 157 -4.21 4.93 -10.81
CA LYS A 157 -4.87 5.61 -9.70
C LYS A 157 -5.39 4.58 -8.71
N GLY A 158 -5.14 4.82 -7.42
CA GLY A 158 -5.56 3.91 -6.38
C GLY A 158 -4.58 2.81 -6.06
N SER A 159 -3.38 2.85 -6.63
CA SER A 159 -2.38 1.81 -6.42
C SER A 159 -1.19 2.27 -5.58
N SER A 160 -1.18 3.53 -5.13
CA SER A 160 -0.17 3.97 -4.18
C SER A 160 -0.20 3.05 -2.97
N GLY A 161 0.98 2.79 -2.41
CA GLY A 161 1.13 1.81 -1.37
C GLY A 161 1.39 0.40 -1.86
N GLY A 162 1.22 0.12 -3.13
CA GLY A 162 1.52 -1.18 -3.69
C GLY A 162 3.00 -1.37 -3.91
N PRO A 163 3.38 -2.62 -4.20
CA PRO A 163 4.80 -2.96 -4.30
C PRO A 163 5.35 -2.86 -5.71
N LEU A 164 6.65 -2.55 -5.76
CA LEU A 164 7.50 -2.92 -6.86
C LEU A 164 8.36 -4.09 -6.40
N LEU A 165 8.37 -5.14 -7.21
CA LEU A 165 9.03 -6.39 -6.90
C LEU A 165 10.13 -6.67 -7.93
N CYS A 166 11.15 -7.42 -7.49
CA CYS A 166 12.18 -7.92 -8.39
C CYS A 166 11.72 -9.22 -9.04
N PRO A 167 12.51 -9.75 -9.99
CA PRO A 167 12.10 -11.00 -10.66
C PRO A 167 11.86 -12.16 -9.72
N ALA A 168 12.49 -12.16 -8.54
CA ALA A 168 12.32 -13.21 -7.56
C ALA A 168 11.20 -12.92 -6.57
N GLY A 169 10.49 -11.82 -6.71
CA GLY A 169 9.39 -11.55 -5.81
C GLY A 169 9.77 -10.85 -4.53
N HIS A 170 10.99 -10.33 -4.43
CA HIS A 170 11.36 -9.51 -3.29
C HIS A 170 10.78 -8.11 -3.45
N ALA A 171 10.58 -7.42 -2.32
CA ALA A 171 10.13 -6.04 -2.34
C ALA A 171 11.29 -5.10 -2.66
N VAL A 172 11.11 -4.28 -3.69
CA VAL A 172 12.07 -3.25 -4.04
C VAL A 172 11.63 -1.85 -3.64
N GLY A 173 10.33 -1.58 -3.59
CA GLY A 173 9.86 -0.29 -3.12
C GLY A 173 8.34 -0.27 -3.03
N ILE A 174 7.83 0.89 -2.61
CA ILE A 174 6.42 1.16 -2.45
C ILE A 174 6.03 2.27 -3.44
N PHE A 175 5.03 1.99 -4.28
CA PHE A 175 4.57 2.96 -5.28
C PHE A 175 4.04 4.22 -4.61
N ARG A 176 4.57 5.39 -5.00
CA ARG A 176 4.25 6.66 -4.37
C ARG A 176 3.54 7.63 -5.29
N ALA A 177 4.06 7.86 -6.50
CA ALA A 177 3.50 8.87 -7.39
C ALA A 177 3.78 8.47 -8.83
N ALA A 178 2.92 8.91 -9.75
CA ALA A 178 3.13 8.68 -11.17
C ALA A 178 3.82 9.87 -11.82
N VAL A 179 4.73 9.58 -12.74
CA VAL A 179 5.43 10.60 -13.51
C VAL A 179 4.66 10.73 -14.81
N CYS A 180 3.97 11.83 -14.97
CA CYS A 180 2.88 11.93 -15.91
C CYS A 180 3.15 13.04 -16.92
N THR A 181 2.90 12.74 -18.20
CA THR A 181 2.95 13.70 -19.28
C THR A 181 1.64 13.64 -20.05
N ARG A 182 0.89 14.74 -20.03
CA ARG A 182 -0.39 14.82 -20.73
C ARG A 182 -1.29 13.64 -20.34
N GLY A 183 -1.27 13.33 -19.05
CA GLY A 183 -2.10 12.27 -18.51
C GLY A 183 -1.59 10.87 -18.72
N VAL A 184 -0.42 10.69 -19.34
CA VAL A 184 0.14 9.37 -19.60
C VAL A 184 1.28 9.17 -18.62
N ALA A 185 1.24 8.04 -17.91
CA ALA A 185 2.30 7.69 -16.97
C ALA A 185 3.38 6.94 -17.73
N LYS A 186 4.54 7.59 -17.93
CA LYS A 186 5.67 6.93 -18.54
C LYS A 186 6.62 6.35 -17.52
N ALA A 187 6.49 6.76 -16.26
CA ALA A 187 7.39 6.35 -15.20
C ALA A 187 6.66 6.43 -13.88
N VAL A 188 7.26 5.83 -12.86
CA VAL A 188 6.72 5.88 -11.52
C VAL A 188 7.81 6.29 -10.53
N ASP A 189 7.36 6.96 -9.48
CA ASP A 189 8.16 7.31 -8.32
C ASP A 189 7.79 6.36 -7.18
N PHE A 190 8.80 5.81 -6.51
CA PHE A 190 8.56 4.84 -5.44
C PHE A 190 9.52 5.09 -4.29
N ILE A 191 9.08 4.66 -3.11
CA ILE A 191 9.85 4.71 -1.87
C ILE A 191 10.74 3.46 -1.84
N PRO A 192 12.05 3.60 -1.97
CA PRO A 192 12.89 2.39 -1.98
C PRO A 192 12.80 1.63 -0.67
N VAL A 193 12.93 0.31 -0.76
CA VAL A 193 12.86 -0.53 0.45
C VAL A 193 13.96 -0.15 1.43
N GLU A 194 15.08 0.36 0.93
CA GLU A 194 16.15 0.77 1.85
C GLU A 194 15.69 1.94 2.72
N SER A 195 14.86 2.80 2.17
CA SER A 195 14.33 3.91 2.93
C SER A 195 13.38 3.43 4.02
N LEU A 196 12.55 2.42 3.71
CA LEU A 196 11.75 1.77 4.74
C LEU A 196 12.64 1.26 5.84
N GLU A 197 13.74 0.58 5.46
CA GLU A 197 14.62 -0.04 6.43
C GLU A 197 15.30 1.01 7.30
N THR A 198 15.68 2.14 6.71
CA THR A 198 16.21 3.23 7.53
C THR A 198 15.15 3.74 8.50
N THR A 199 13.93 4.00 8.00
CA THR A 199 12.84 4.42 8.88
C THR A 199 12.66 3.45 10.03
N MET A 200 12.84 2.16 9.79
CA MET A 200 12.70 1.18 10.86
C MET A 200 13.77 1.31 11.93
N ARG A 201 14.86 2.03 11.64
CA ARG A 201 15.91 2.25 12.63
C ARG A 201 15.89 3.71 13.08
ZN ZN B . 15.39 -9.41 -5.31
S SO4 C . 2.74 8.83 17.59
O1 SO4 C . 2.46 8.23 16.29
O2 SO4 C . 1.68 9.81 17.91
O3 SO4 C . 4.01 9.55 17.53
O4 SO4 C . 2.81 7.78 18.60
S SO4 D . -13.00 -14.29 -4.68
O1 SO4 D . -13.43 -14.00 -6.04
O2 SO4 D . -12.79 -13.04 -3.97
O3 SO4 D . -11.78 -15.09 -4.69
O4 SO4 D . -14.03 -15.07 -3.99
S SO4 E . 12.86 8.71 -0.44
O1 SO4 E . 13.37 10.02 -0.01
O2 SO4 E . 11.53 8.54 0.11
O3 SO4 E . 13.76 7.67 0.05
O4 SO4 E . 12.82 8.67 -1.91
C13 FHD F . 0.41 11.13 -5.50
C21 FHD F . 5.79 14.08 -9.14
C22 FHD F . 7.04 13.74 -10.23
C24 FHD F . -0.04 12.95 -10.08
C26 FHD F . 0.08 14.25 -10.92
C01 FHD F . 0.95 11.87 -8.05
C02 FHD F . 0.71 13.19 -4.62
C03 FHD F . -0.07 11.82 -4.47
C04 FHD F . 0.46 13.48 -6.13
C05 FHD F . -1.84 7.82 -10.30
C06 FHD F . -1.45 7.06 -9.29
C07 FHD F . -0.37 7.62 -8.34
C08 FHD F . 0.28 6.62 -7.36
C09 FHD F . -0.71 7.67 -6.84
C11 FHD F . -0.52 10.13 -6.21
C16 FHD F . 1.10 13.00 -9.04
C18 FHD F . 3.47 13.63 -9.05
C23 FHD F . 6.20 13.62 -7.93
C25 FHD F . 0.09 11.74 -11.03
C27 FHD F . -1.41 12.90 -9.36
C29 FHD F . 2.48 13.21 -3.19
C30 FHD F . 3.91 12.88 -2.85
C33 FHD F . 3.63 13.41 -0.51
C34 FHD F . 4.20 13.55 0.91
C35 FHD F . 3.26 14.01 2.01
C36 FHD F . 1.81 14.33 1.68
C37 FHD F . 1.25 14.21 0.27
C38 FHD F . 2.21 13.75 -0.82
C41 FHD F . -0.39 15.00 2.40
C42 FHD F . -2.03 7.08 -6.37
C48 FHD F . -4.69 8.31 -3.50
C49 FHD F . -5.79 7.68 -2.65
C50 FHD F . -4.39 7.91 -2.06
C51 FHD F . 7.41 12.47 -9.84
C52 FHD F . 7.29 12.47 -8.23
C53 FHD F . -4.76 9.82 -3.82
N10 FHD F . -0.04 8.77 -6.14
N14 FHD F . 0.64 12.25 -6.66
N17 FHD F . 2.39 12.90 -9.66
N32 FHD F . 4.50 12.98 -1.56
N39 FHD F . 1.61 13.64 -2.14
N44 FHD F . -2.63 7.82 -5.31
O12 FHD F . -1.53 10.42 -6.81
O15 FHD F . 1.09 10.71 -8.37
O19 FHD F . 3.31 14.42 -8.18
O20 FHD F . 4.71 13.35 -9.62
O28 FHD F . 2.02 13.06 -4.50
O40 FHD F . 0.99 14.76 2.70
O43 FHD F . -2.50 6.09 -6.82
O46 FHD F . -4.04 5.80 -4.31
O47 FHD F . -5.02 7.27 -5.91
S45 FHD F . -4.08 7.19 -4.79
CL FHD F . 4.93 12.37 -4.14
H131 FHD F . 1.25 10.70 -5.27
H211 FHD F . 5.59 15.03 -9.11
H222 FHD F . 6.72 13.73 -11.14
H221 FHD F . 7.77 14.36 -10.12
H262 FHD F . 1.01 14.41 -11.14
H263 FHD F . -0.27 14.99 -10.41
H261 FHD F . -0.44 14.14 -11.73
H021 FHD F . 0.35 13.89 -4.05
H031 FHD F . 0.15 11.38 -3.63
H032 FHD F . -1.03 11.95 -4.55
H041 FHD F . 1.12 14.10 -6.48
H042 FHD F . -0.44 13.79 -6.28
H051 FHD F . -2.48 7.50 -10.89
H052 FHD F . -1.47 8.66 -10.43
H061 FHD F . -1.80 6.21 -9.16
H071 FHD F . 0.22 8.32 -8.65
H081 FHD F . 1.20 6.78 -7.15
H082 FHD F . -0.07 5.72 -7.41
H161 FHD F . 1.05 13.85 -8.55
H231 FHD F . 5.44 13.25 -7.44
H232 FHD F . 6.60 14.34 -7.42
H251 FHD F . 0.85 11.86 -11.62
H252 FHD F . -0.72 11.65 -11.55
H253 FHD F . 0.23 10.93 -10.50
H272 FHD F . -1.36 13.41 -8.54
H273 FHD F . -1.64 11.98 -9.17
H271 FHD F . -2.09 13.29 -9.94
H341 FHD F . 5.09 13.35 1.11
H351 FHD F . 3.57 14.10 2.88
H371 FHD F . 0.36 14.41 0.09
H412 FHD F . -0.70 15.77 2.90
H411 FHD F . -0.91 14.23 2.62
H413 FHD F . -0.48 15.19 1.44
H492 FHD F . -6.00 6.75 -2.87
H491 FHD F . -6.48 8.28 -2.33
H502 FHD F . -4.32 8.64 -1.42
H501 FHD F . -3.86 7.10 -1.94
H511 FHD F . 8.33 12.29 -10.11
H512 FHD F . 6.81 11.82 -10.22
H521 FHD F . 6.97 11.61 -7.92
H522 FHD F . 8.14 12.69 -7.83
H531 FHD F . -4.76 10.32 -3.00
H532 FHD F . -5.58 10.00 -4.31
H533 FHD F . -4.00 10.06 -4.37
H101 FHD F . 0.70 8.61 -5.75
H171 FHD F . 2.44 12.65 -10.48
H441 FHD F . -2.29 8.54 -4.99
C1 GOL G . 8.79 -9.69 11.50
O1 GOL G . 7.68 -10.52 11.21
C2 GOL G . 10.05 -10.19 10.67
O2 GOL G . 9.72 -10.84 9.51
C3 GOL G . 10.91 -8.90 10.43
O3 GOL G . 11.79 -9.17 9.39
H11 GOL G . 8.62 -8.77 11.28
H12 GOL G . 9.00 -9.71 12.44
HO1 GOL G . 7.90 -10.97 10.51
H2 GOL G . 10.55 -10.84 11.20
H31 GOL G . 10.32 -8.15 10.26
H32 GOL G . 11.38 -8.67 11.24
#